data_7VBT
#
_entry.id   7VBT
#
_cell.length_a   70.517
_cell.length_b   93.605
_cell.length_c   110.965
_cell.angle_alpha   90.0
_cell.angle_beta   90.0
_cell.angle_gamma   90.0
#
_symmetry.space_group_name_H-M   'P 21 21 21'
#
loop_
_entity.id
_entity.type
_entity.pdbx_description
1 polymer 'Serine/threonine-protein kinase RIO2'
2 non-polymer 8-(6-methoxypyridin-3-yl)-1-[4-piperazin-1-yl-3-(trifluoromethyl)phenyl]-5H-[1,2,3]triazolo[4,5-c]quinolin-4-one
3 water water
#
_entity_poly.entity_id   1
_entity_poly.type   'polypeptide(L)'
_entity_poly.pdbx_seq_one_letter_code
;MGKVNVAKLRYMSRDDFRVLTAVEMGMKNHEIVPGSLIASIASLKHGGCNKVLRELVKHKLIAWERTKTVQGYRLTNAGY
DYLALKTLSSRQVVESVGNQMGVGKESDIYIVANEEGQQFALKLHRLGRTSFRNLKNKRDYHKHRHNVSWLYLSRLSAMK
EFAYMKALYERKFPVPKPIDYNRHAVVMELINGYPLCQIHHVEDPASVYDEAMELIVKLANHGLIHGDFNEFNLILDESD
HITMIDFPQMVSTSHPNAEWYFDRDVKCIKDFFMKRFSYESELFPTFKDIRREDTLDVEVSASGYTKEMQADDELLHPL
;
_entity_poly.pdbx_strand_id   A,B
#
# COMPACT_ATOMS: atom_id res chain seq x y z
N VAL A 4 23.25 20.46 -11.21
CA VAL A 4 23.29 20.07 -9.80
C VAL A 4 23.39 21.31 -8.89
N ASN A 5 22.25 21.75 -8.38
CA ASN A 5 22.20 22.85 -7.44
C ASN A 5 21.81 22.36 -6.05
N VAL A 6 22.82 22.12 -5.22
CA VAL A 6 22.59 21.64 -3.86
C VAL A 6 22.59 22.82 -2.89
N ALA A 7 21.57 22.87 -2.05
CA ALA A 7 21.45 23.97 -1.08
C ALA A 7 21.24 23.45 0.33
N LYS A 8 21.96 24.03 1.28
CA LYS A 8 21.79 23.67 2.68
C LYS A 8 20.40 24.10 3.14
N LEU A 9 19.84 23.40 4.11
CA LEU A 9 18.50 23.73 4.60
C LEU A 9 18.49 25.08 5.30
N ARG A 10 17.38 25.79 5.19
CA ARG A 10 17.22 27.07 5.86
C ARG A 10 17.23 26.85 7.37
N TYR A 11 17.65 27.86 8.11
CA TYR A 11 17.73 27.72 9.55
C TYR A 11 16.35 27.84 10.16
N MET A 12 16.16 27.18 11.29
CA MET A 12 14.92 27.36 12.02
C MET A 12 15.23 27.29 13.51
N SER A 13 14.54 28.12 14.28
CA SER A 13 14.74 28.20 15.71
C SER A 13 14.24 26.95 16.42
N ARG A 14 14.72 26.73 17.64
CA ARG A 14 14.30 25.58 18.41
C ARG A 14 12.80 25.62 18.70
N ASP A 15 12.28 26.82 18.91
CA ASP A 15 10.86 27.03 19.16
C ASP A 15 10.01 26.66 17.95
N ASP A 16 10.42 27.14 16.78
CA ASP A 16 9.70 26.87 15.54
C ASP A 16 9.68 25.39 15.21
N PHE A 17 10.83 24.74 15.39
CA PHE A 17 10.94 23.31 15.12
C PHE A 17 10.04 22.51 16.06
N ARG A 18 9.93 23.01 17.28
CA ARG A 18 9.11 22.37 18.31
C ARG A 18 7.64 22.40 17.91
N VAL A 19 7.18 23.54 17.41
CA VAL A 19 5.81 23.68 16.98
C VAL A 19 5.54 22.83 15.73
N LEU A 20 6.49 22.82 14.80
CA LEU A 20 6.36 22.04 13.57
C LEU A 20 6.29 20.56 13.95
N THR A 21 7.09 20.18 14.93
CA THR A 21 7.10 18.82 15.45
C THR A 21 5.77 18.51 16.15
N ALA A 22 5.21 19.52 16.82
CA ALA A 22 3.95 19.35 17.54
C ALA A 22 2.79 19.09 16.58
N VAL A 23 2.82 19.74 15.42
CA VAL A 23 1.79 19.53 14.40
C VAL A 23 1.83 18.08 13.92
N GLU A 24 3.04 17.58 13.72
CA GLU A 24 3.22 16.20 13.29
C GLU A 24 2.63 15.23 14.32
N MET A 25 2.92 15.48 15.58
CA MET A 25 2.41 14.62 16.65
C MET A 25 0.88 14.65 16.70
N GLY A 26 0.32 15.85 16.52
CA GLY A 26 -1.12 16.03 16.52
C GLY A 26 -1.82 15.37 15.35
N MET A 27 -1.13 15.31 14.22
CA MET A 27 -1.71 14.75 12.99
C MET A 27 -1.98 13.25 13.06
N LYS A 28 -1.33 12.57 14.00
CA LYS A 28 -1.54 11.12 14.15
C LYS A 28 -2.95 10.79 14.62
N ASN A 29 -3.54 11.64 15.45
CA ASN A 29 -4.89 11.41 15.96
C ASN A 29 -5.93 12.36 15.40
N HIS A 30 -5.49 13.33 14.60
CA HIS A 30 -6.43 14.29 14.03
C HIS A 30 -6.15 14.53 12.56
N GLU A 31 -7.21 14.52 11.74
CA GLU A 31 -7.08 14.80 10.31
C GLU A 31 -6.61 16.24 10.15
N ILE A 32 -7.07 17.10 11.06
CA ILE A 32 -6.66 18.50 11.10
C ILE A 32 -6.39 18.80 12.59
N VAL A 33 -5.34 19.57 12.88
CA VAL A 33 -4.95 19.77 14.28
C VAL A 33 -5.28 21.14 14.81
N PRO A 34 -6.07 21.18 15.90
CA PRO A 34 -6.48 22.46 16.51
C PRO A 34 -5.32 23.15 17.20
N GLY A 35 -5.38 24.49 17.27
CA GLY A 35 -4.33 25.30 17.84
C GLY A 35 -4.05 25.05 19.32
N SER A 36 -5.10 24.85 20.10
CA SER A 36 -4.97 24.63 21.53
C SER A 36 -4.15 23.36 21.80
N LEU A 37 -4.40 22.32 21.00
CA LEU A 37 -3.71 21.05 21.12
C LEU A 37 -2.22 21.20 20.81
N ILE A 38 -1.91 21.96 19.77
CA ILE A 38 -0.53 22.20 19.37
C ILE A 38 0.25 22.89 20.50
N ALA A 39 -0.38 23.86 21.14
CA ALA A 39 0.24 24.57 22.27
C ALA A 39 0.53 23.62 23.42
N SER A 40 -0.43 22.74 23.72
CA SER A 40 -0.28 21.76 24.80
C SER A 40 0.90 20.85 24.53
N ILE A 41 0.93 20.34 23.31
CA ILE A 41 1.99 19.43 22.87
C ILE A 41 3.35 20.13 22.83
N ALA A 42 3.40 21.33 22.26
CA ALA A 42 4.67 22.04 22.16
C ALA A 42 5.10 22.57 23.52
N SER A 43 4.15 23.14 24.24
CA SER A 43 4.38 23.63 25.60
C SER A 43 5.54 24.61 25.70
N LEU A 44 5.55 25.64 24.85
CA LEU A 44 6.60 26.64 24.90
C LEU A 44 6.57 27.35 26.24
N LYS A 45 7.75 27.62 26.79
CA LYS A 45 7.86 28.22 28.11
C LYS A 45 7.10 29.54 28.24
N HIS A 46 7.00 30.29 27.14
CA HIS A 46 6.46 31.64 27.21
C HIS A 46 5.20 31.85 26.36
N GLY A 47 4.84 30.85 25.58
CA GLY A 47 3.55 30.86 24.92
C GLY A 47 3.30 31.68 23.67
N GLY A 48 4.31 31.85 22.81
CA GLY A 48 4.08 32.52 21.54
C GLY A 48 3.67 31.56 20.45
N CYS A 49 2.86 30.56 20.80
CA CYS A 49 2.47 29.53 19.84
C CYS A 49 1.79 30.04 18.57
N ASN A 50 0.82 30.95 18.72
CA ASN A 50 0.13 31.52 17.57
C ASN A 50 1.06 32.32 16.66
N LYS A 51 2.07 32.94 17.26
CA LYS A 51 3.07 33.68 16.49
C LYS A 51 3.82 32.72 15.58
N VAL A 52 4.24 31.58 16.12
CA VAL A 52 4.98 30.58 15.35
C VAL A 52 4.17 29.96 14.20
N LEU A 53 2.92 29.61 14.48
CA LEU A 53 2.08 28.97 13.48
C LEU A 53 1.87 29.82 12.22
N ARG A 54 1.60 31.11 12.41
CA ARG A 54 1.38 32.00 11.26
C ARG A 54 2.64 32.13 10.41
N GLU A 55 3.81 32.14 11.05
CA GLU A 55 5.06 32.17 10.31
C GLU A 55 5.26 30.86 9.56
N LEU A 56 4.88 29.75 10.19
CA LEU A 56 4.94 28.45 9.55
C LEU A 56 3.97 28.39 8.36
N VAL A 57 2.82 29.04 8.52
CA VAL A 57 1.86 29.17 7.43
C VAL A 57 2.40 30.06 6.31
N LYS A 58 3.04 31.17 6.70
CA LYS A 58 3.62 32.11 5.74
C LYS A 58 4.75 31.45 4.95
N HIS A 59 5.50 30.59 5.62
CA HIS A 59 6.60 29.87 5.01
C HIS A 59 6.10 28.61 4.29
N LYS A 60 4.78 28.39 4.37
CA LYS A 60 4.09 27.35 3.62
C LYS A 60 4.43 25.95 4.14
N LEU A 61 5.02 25.88 5.33
CA LEU A 61 5.34 24.61 5.95
C LEU A 61 4.09 23.91 6.49
N ILE A 62 3.11 24.69 6.94
CA ILE A 62 1.83 24.15 7.38
C ILE A 62 0.67 24.91 6.75
N ALA A 63 -0.52 24.32 6.75
CA ALA A 63 -1.70 24.97 6.21
C ALA A 63 -2.86 24.88 7.20
N TRP A 64 -3.69 25.91 7.23
CA TRP A 64 -4.81 25.97 8.17
C TRP A 64 -6.12 25.88 7.42
N GLU A 65 -7.12 25.28 8.04
CA GLU A 65 -8.39 25.08 7.39
C GLU A 65 -9.53 25.26 8.39
N ARG A 66 -10.68 25.75 7.90
CA ARG A 66 -11.90 25.77 8.70
C ARG A 66 -13.03 25.06 7.94
N THR A 67 -13.80 24.25 8.65
CA THR A 67 -14.98 23.60 8.06
C THR A 67 -16.13 23.79 9.02
N LYS A 68 -17.35 23.51 8.57
CA LYS A 68 -18.51 23.64 9.44
C LYS A 68 -18.34 22.77 10.68
N THR A 69 -17.65 21.64 10.53
CA THR A 69 -17.40 20.73 11.65
C THR A 69 -16.06 20.91 12.38
N VAL A 70 -14.99 21.27 11.67
CA VAL A 70 -13.66 21.32 12.28
C VAL A 70 -12.76 22.44 11.76
N GLN A 71 -11.72 22.75 12.54
CA GLN A 71 -10.70 23.73 12.16
C GLN A 71 -9.33 23.36 12.71
N GLY A 72 -8.27 23.68 11.97
CA GLY A 72 -6.93 23.40 12.46
C GLY A 72 -5.83 23.43 11.43
N TYR A 73 -4.66 22.92 11.81
CA TYR A 73 -3.50 22.92 10.93
C TYR A 73 -3.10 21.52 10.47
N ARG A 74 -2.34 21.48 9.39
CA ARG A 74 -1.80 20.25 8.86
C ARG A 74 -0.41 20.51 8.32
N LEU A 75 0.40 19.47 8.34
CA LEU A 75 1.74 19.56 7.79
C LEU A 75 1.57 19.57 6.27
N THR A 76 2.51 20.19 5.56
CA THR A 76 2.46 20.16 4.10
C THR A 76 3.59 19.25 3.63
N ASN A 77 3.67 19.03 2.32
CA ASN A 77 4.77 18.23 1.80
C ASN A 77 6.11 18.86 2.15
N ALA A 78 6.21 20.18 1.99
CA ALA A 78 7.44 20.90 2.30
C ALA A 78 7.76 20.84 3.80
N GLY A 79 6.73 20.96 4.63
CA GLY A 79 6.91 20.89 6.08
C GLY A 79 7.36 19.51 6.53
N TYR A 80 6.75 18.47 5.94
CA TYR A 80 7.11 17.10 6.25
C TYR A 80 8.53 16.85 5.78
N ASP A 81 8.86 17.39 4.60
CA ASP A 81 10.19 17.26 4.03
C ASP A 81 11.22 17.91 4.94
N TYR A 82 10.87 19.08 5.47
CA TYR A 82 11.80 19.82 6.31
C TYR A 82 12.12 19.07 7.59
N LEU A 83 11.11 18.45 8.20
CA LEU A 83 11.35 17.70 9.42
C LEU A 83 12.31 16.55 9.16
N ALA A 84 12.08 15.82 8.08
CA ALA A 84 12.93 14.68 7.76
C ALA A 84 14.35 15.12 7.43
N LEU A 85 14.48 16.13 6.57
CA LEU A 85 15.78 16.63 6.14
C LEU A 85 16.55 17.32 7.27
N LYS A 86 15.86 18.09 8.10
CA LYS A 86 16.50 18.74 9.23
C LYS A 86 17.03 17.66 10.18
N THR A 87 16.24 16.61 10.37
CA THR A 87 16.62 15.50 11.21
C THR A 87 17.84 14.79 10.64
N LEU A 88 17.83 14.53 9.33
CA LEU A 88 18.96 13.87 8.69
C LEU A 88 20.20 14.74 8.78
N SER A 89 20.01 16.05 8.66
CA SER A 89 21.12 17.00 8.73
C SER A 89 21.79 17.01 10.10
N SER A 90 21.01 16.94 11.16
CA SER A 90 21.55 16.95 12.51
C SER A 90 22.35 15.69 12.82
N ARG A 91 22.04 14.62 12.11
CA ARG A 91 22.72 13.34 12.30
C ARG A 91 23.85 13.17 11.28
N GLN A 92 24.14 14.24 10.55
CA GLN A 92 25.28 14.33 9.64
C GLN A 92 25.19 13.44 8.40
N VAL A 93 24.00 12.96 8.09
CA VAL A 93 23.83 12.12 6.91
C VAL A 93 23.76 12.96 5.63
N VAL A 94 22.96 14.03 5.68
CA VAL A 94 22.76 14.91 4.52
C VAL A 94 22.74 16.38 4.94
N GLU A 95 23.50 17.23 4.26
CA GLU A 95 23.52 18.64 4.60
C GLU A 95 22.91 19.50 3.51
N SER A 96 23.02 19.04 2.27
CA SER A 96 22.51 19.80 1.13
C SER A 96 21.62 18.95 0.22
N VAL A 97 20.63 19.60 -0.39
CA VAL A 97 19.70 18.92 -1.28
C VAL A 97 19.71 19.55 -2.67
N GLY A 98 19.84 18.71 -3.69
CA GLY A 98 19.88 19.16 -5.07
C GLY A 98 18.52 19.20 -5.72
N ASN A 99 18.51 19.09 -7.04
CA ASN A 99 17.28 19.10 -7.81
C ASN A 99 16.68 17.69 -7.87
N GLN A 100 15.39 17.61 -8.19
CA GLN A 100 14.72 16.33 -8.36
C GLN A 100 15.14 15.73 -9.69
N MET A 101 15.51 14.46 -9.70
CA MET A 101 15.91 13.83 -10.96
C MET A 101 14.89 12.84 -11.50
N GLY A 102 13.89 12.48 -10.72
CA GLY A 102 12.90 11.53 -11.20
C GLY A 102 11.88 11.10 -10.16
N VAL A 103 11.08 10.09 -10.51
CA VAL A 103 10.05 9.62 -9.60
C VAL A 103 10.00 8.10 -9.51
N GLY A 104 9.39 7.64 -8.43
CA GLY A 104 9.09 6.23 -8.25
C GLY A 104 7.57 6.15 -8.23
N LYS A 105 7.04 4.96 -7.98
CA LYS A 105 5.58 4.81 -7.96
C LYS A 105 4.95 5.67 -6.86
N GLU A 106 5.60 5.70 -5.70
CA GLU A 106 5.10 6.48 -4.57
C GLU A 106 6.13 7.46 -4.05
N SER A 107 7.10 7.83 -4.88
CA SER A 107 8.15 8.70 -4.36
C SER A 107 8.74 9.67 -5.36
N ASP A 108 9.41 10.68 -4.82
CA ASP A 108 10.17 11.64 -5.59
C ASP A 108 11.63 11.37 -5.28
N ILE A 109 12.48 11.38 -6.30
CA ILE A 109 13.89 11.08 -6.09
C ILE A 109 14.73 12.34 -6.28
N TYR A 110 15.67 12.56 -5.37
CA TYR A 110 16.50 13.75 -5.41
C TYR A 110 17.98 13.40 -5.28
N ILE A 111 18.83 14.38 -5.54
CA ILE A 111 20.24 14.24 -5.26
C ILE A 111 20.56 15.02 -4.02
N VAL A 112 21.34 14.43 -3.14
CA VAL A 112 21.72 15.08 -1.90
C VAL A 112 23.22 14.94 -1.69
N ALA A 113 23.76 15.76 -0.81
CA ALA A 113 25.19 15.69 -0.50
C ALA A 113 25.42 15.87 0.98
N ASN A 114 26.46 15.22 1.49
CA ASN A 114 26.83 15.37 2.89
C ASN A 114 27.84 16.51 3.05
N GLU A 115 28.48 16.58 4.21
CA GLU A 115 29.43 17.65 4.49
C GLU A 115 30.62 17.66 3.52
N GLU A 116 31.18 16.49 3.23
CA GLU A 116 32.35 16.41 2.35
C GLU A 116 32.01 16.66 0.89
N GLY A 117 30.71 16.76 0.60
CA GLY A 117 30.26 16.98 -0.76
C GLY A 117 30.02 15.69 -1.53
N GLN A 118 30.03 14.58 -0.80
CA GLN A 118 29.75 13.28 -1.41
C GLN A 118 28.26 13.15 -1.70
N GLN A 119 27.94 12.72 -2.93
CA GLN A 119 26.56 12.69 -3.38
C GLN A 119 25.86 11.36 -3.09
N PHE A 120 24.55 11.45 -2.86
CA PHE A 120 23.72 10.29 -2.57
C PHE A 120 22.37 10.49 -3.24
N ALA A 121 21.57 9.43 -3.26
CA ALA A 121 20.21 9.54 -3.76
C ALA A 121 19.26 9.65 -2.58
N LEU A 122 18.30 10.56 -2.68
CA LEU A 122 17.29 10.71 -1.64
C LEU A 122 15.91 10.46 -2.20
N LYS A 123 15.15 9.61 -1.52
CA LYS A 123 13.79 9.33 -1.96
C LYS A 123 12.82 9.81 -0.90
N LEU A 124 11.85 10.61 -1.34
CA LEU A 124 10.82 11.13 -0.47
C LEU A 124 9.49 10.48 -0.85
N HIS A 125 8.90 9.75 0.07
CA HIS A 125 7.69 8.98 -0.23
C HIS A 125 6.42 9.77 0.05
N ARG A 126 5.50 9.73 -0.90
CA ARG A 126 4.21 10.42 -0.76
C ARG A 126 3.09 9.46 -1.05
N LEU A 127 2.32 9.10 -0.03
CA LEU A 127 1.25 8.14 -0.17
C LEU A 127 0.10 8.46 0.79
N GLY A 128 -1.14 8.39 0.32
CA GLY A 128 -2.28 8.66 1.18
C GLY A 128 -3.30 9.67 0.65
N ARG A 129 -3.16 10.06 -0.62
CA ARG A 129 -4.12 10.96 -1.24
C ARG A 129 -5.51 10.35 -1.29
N HIS A 146 -6.25 11.05 2.63
CA HIS A 146 -6.46 11.50 4.01
C HIS A 146 -5.16 11.98 4.64
N ASN A 147 -5.27 12.98 5.52
CA ASN A 147 -4.10 13.54 6.19
C ASN A 147 -3.41 12.53 7.10
N VAL A 148 -4.18 11.78 7.89
CA VAL A 148 -3.56 10.80 8.77
C VAL A 148 -2.99 9.60 8.01
N SER A 149 -3.65 9.17 6.94
CA SER A 149 -3.12 8.08 6.13
C SER A 149 -1.85 8.56 5.44
N TRP A 150 -1.84 9.83 5.02
CA TRP A 150 -0.69 10.41 4.35
C TRP A 150 0.55 10.39 5.26
N LEU A 151 0.34 10.71 6.53
CA LEU A 151 1.44 10.72 7.49
C LEU A 151 2.01 9.32 7.74
N TYR A 152 1.13 8.37 7.98
CA TYR A 152 1.52 6.99 8.26
C TYR A 152 2.01 6.20 7.04
N LEU A 153 1.29 6.28 5.93
CA LEU A 153 1.64 5.49 4.75
C LEU A 153 2.99 5.90 4.16
N SER A 154 3.29 7.19 4.18
CA SER A 154 4.56 7.69 3.68
C SER A 154 5.73 7.17 4.53
N ARG A 155 5.53 7.14 5.84
CA ARG A 155 6.50 6.58 6.75
C ARG A 155 6.68 5.09 6.49
N LEU A 156 5.53 4.40 6.33
CA LEU A 156 5.52 2.97 6.11
C LEU A 156 6.18 2.60 4.79
N SER A 157 5.91 3.41 3.76
CA SER A 157 6.49 3.21 2.45
C SER A 157 8.01 3.34 2.48
N ALA A 158 8.50 4.33 3.23
CA ALA A 158 9.92 4.55 3.38
C ALA A 158 10.56 3.44 4.19
N MET A 159 9.88 3.03 5.25
CA MET A 159 10.37 1.96 6.11
C MET A 159 10.48 0.64 5.36
N LYS A 160 9.45 0.30 4.58
CA LYS A 160 9.42 -0.93 3.82
C LYS A 160 10.56 -0.91 2.81
N GLU A 161 10.74 0.24 2.17
CA GLU A 161 11.79 0.38 1.15
C GLU A 161 13.18 0.16 1.72
N PHE A 162 13.45 0.80 2.85
CA PHE A 162 14.75 0.68 3.49
C PHE A 162 14.96 -0.76 3.95
N ALA A 163 13.91 -1.34 4.52
CA ALA A 163 13.96 -2.70 5.04
C ALA A 163 14.24 -3.73 3.93
N TYR A 164 13.53 -3.61 2.82
CA TYR A 164 13.75 -4.53 1.71
C TYR A 164 15.07 -4.25 0.98
N MET A 165 15.45 -2.98 0.87
CA MET A 165 16.73 -2.64 0.24
C MET A 165 17.86 -3.27 1.02
N LYS A 166 17.77 -3.20 2.34
CA LYS A 166 18.76 -3.80 3.22
C LYS A 166 18.80 -5.32 3.06
N ALA A 167 17.63 -5.92 3.07
CA ALA A 167 17.50 -7.37 2.95
C ALA A 167 17.99 -7.87 1.59
N LEU A 168 17.65 -7.16 0.54
CA LEU A 168 18.08 -7.52 -0.80
C LEU A 168 19.58 -7.28 -1.03
N TYR A 169 20.09 -6.17 -0.49
CA TYR A 169 21.50 -5.81 -0.67
C TYR A 169 22.45 -6.79 0.01
N GLU A 170 22.08 -7.26 1.20
CA GLU A 170 22.91 -8.20 1.94
C GLU A 170 22.97 -9.56 1.24
N ARG A 171 22.01 -9.82 0.36
CA ARG A 171 21.96 -11.07 -0.39
C ARG A 171 22.45 -10.87 -1.81
N LYS A 172 23.23 -9.80 -2.00
CA LYS A 172 23.89 -9.51 -3.28
C LYS A 172 22.91 -9.32 -4.43
N PHE A 173 21.83 -8.58 -4.19
CA PHE A 173 20.90 -8.20 -5.24
C PHE A 173 21.36 -6.89 -5.85
N PRO A 174 21.08 -6.67 -7.14
CA PRO A 174 21.50 -5.39 -7.74
C PRO A 174 20.57 -4.24 -7.33
N VAL A 175 20.74 -3.78 -6.10
CA VAL A 175 19.97 -2.65 -5.57
C VAL A 175 20.96 -1.67 -4.95
N PRO A 176 20.55 -0.40 -4.79
CA PRO A 176 21.47 0.57 -4.17
C PRO A 176 21.73 0.20 -2.71
N LYS A 177 22.84 0.68 -2.15
CA LYS A 177 23.12 0.39 -0.75
C LYS A 177 22.39 1.42 0.12
N PRO A 178 21.49 0.94 1.00
CA PRO A 178 20.76 1.86 1.87
C PRO A 178 21.70 2.46 2.92
N ILE A 179 21.67 3.78 3.10
CA ILE A 179 22.53 4.42 4.08
C ILE A 179 21.75 4.75 5.34
N ASP A 180 20.64 5.47 5.18
CA ASP A 180 19.84 5.87 6.33
C ASP A 180 18.42 6.23 5.92
N TYR A 181 17.58 6.46 6.92
CA TYR A 181 16.19 6.80 6.68
C TYR A 181 15.68 7.70 7.80
N ASN A 182 14.65 8.48 7.49
CA ASN A 182 13.90 9.17 8.52
C ASN A 182 12.52 9.52 8.02
N ARG A 183 11.51 9.12 8.78
CA ARG A 183 10.13 9.40 8.44
C ARG A 183 9.82 8.82 7.06
N HIS A 184 9.52 9.69 6.11
CA HIS A 184 9.19 9.27 4.75
C HIS A 184 10.40 9.39 3.82
N ALA A 185 11.57 9.61 4.41
CA ALA A 185 12.79 9.83 3.63
C ALA A 185 13.72 8.63 3.70
N VAL A 186 14.29 8.27 2.55
CA VAL A 186 15.30 7.23 2.49
C VAL A 186 16.53 7.75 1.76
N VAL A 187 17.70 7.52 2.35
CA VAL A 187 18.94 7.92 1.72
C VAL A 187 19.69 6.69 1.27
N MET A 188 20.09 6.66 0.00
CA MET A 188 20.74 5.49 -0.54
C MET A 188 21.90 5.89 -1.42
N GLU A 189 22.70 4.89 -1.79
CA GLU A 189 23.82 5.10 -2.69
C GLU A 189 23.32 5.64 -4.01
N LEU A 190 24.08 6.55 -4.62
CA LEU A 190 23.66 7.13 -5.88
C LEU A 190 24.28 6.34 -7.02
N ILE A 191 23.44 5.72 -7.83
CA ILE A 191 23.91 4.89 -8.93
C ILE A 191 24.27 5.79 -10.10
N ASN A 192 25.44 5.56 -10.70
CA ASN A 192 25.83 6.34 -11.86
C ASN A 192 25.23 5.79 -13.13
N GLY A 193 23.93 6.05 -13.31
CA GLY A 193 23.20 5.55 -14.45
C GLY A 193 21.92 6.30 -14.72
N TYR A 194 21.23 5.90 -15.79
CA TYR A 194 19.99 6.52 -16.22
C TYR A 194 18.91 5.45 -16.35
N PRO A 195 17.64 5.84 -16.24
CA PRO A 195 16.56 4.86 -16.41
C PRO A 195 16.58 4.26 -17.81
N LEU A 196 16.25 2.97 -17.89
CA LEU A 196 16.31 2.23 -19.15
C LEU A 196 15.40 2.77 -20.25
N CYS A 197 14.33 3.44 -19.85
CA CYS A 197 13.38 4.01 -20.80
C CYS A 197 14.04 5.09 -21.65
N GLN A 198 15.06 5.73 -21.08
CA GLN A 198 15.77 6.80 -21.77
C GLN A 198 16.95 6.30 -22.60
N ILE A 199 17.24 5.00 -22.52
CA ILE A 199 18.33 4.42 -23.30
C ILE A 199 17.84 4.01 -24.69
N HIS A 200 18.51 4.50 -25.74
CA HIS A 200 18.09 4.19 -27.11
C HIS A 200 19.15 3.38 -27.85
N HIS A 201 20.34 3.27 -27.27
CA HIS A 201 21.38 2.42 -27.87
C HIS A 201 22.12 1.64 -26.79
N VAL A 202 22.34 0.36 -27.06
CA VAL A 202 23.07 -0.53 -26.16
C VAL A 202 23.97 -1.45 -26.99
N GLU A 203 25.16 -1.72 -26.49
CA GLU A 203 26.14 -2.53 -27.21
C GLU A 203 25.60 -3.93 -27.48
N ASP A 204 25.10 -4.56 -26.42
CA ASP A 204 24.47 -5.88 -26.55
C ASP A 204 23.15 -5.94 -25.81
N PRO A 205 22.04 -5.78 -26.55
CA PRO A 205 20.70 -5.82 -25.98
C PRO A 205 20.38 -7.18 -25.37
N ALA A 206 20.88 -8.23 -26.00
CA ALA A 206 20.67 -9.59 -25.51
C ALA A 206 21.23 -9.77 -24.11
N SER A 207 22.37 -9.15 -23.86
CA SER A 207 23.05 -9.21 -22.57
C SER A 207 22.26 -8.48 -21.47
N VAL A 208 21.75 -7.30 -21.80
CA VAL A 208 20.97 -6.49 -20.86
C VAL A 208 19.64 -7.18 -20.55
N TYR A 209 19.06 -7.78 -21.57
CA TYR A 209 17.81 -8.54 -21.45
C TYR A 209 18.02 -9.69 -20.47
N ASP A 210 19.19 -10.31 -20.52
CA ASP A 210 19.54 -11.43 -19.64
C ASP A 210 19.62 -11.00 -18.18
N GLU A 211 20.14 -9.80 -17.94
CA GLU A 211 20.25 -9.29 -16.58
C GLU A 211 18.89 -9.11 -15.93
N ALA A 212 17.94 -8.58 -16.70
CA ALA A 212 16.59 -8.35 -16.19
C ALA A 212 15.88 -9.66 -15.89
N MET A 213 15.98 -10.62 -16.80
CA MET A 213 15.36 -11.92 -16.62
C MET A 213 15.97 -12.65 -15.43
N GLU A 214 17.29 -12.54 -15.29
CA GLU A 214 17.97 -13.17 -14.17
C GLU A 214 17.52 -12.53 -12.86
N LEU A 215 17.27 -11.23 -12.89
CA LEU A 215 16.79 -10.52 -11.71
C LEU A 215 15.41 -11.03 -11.29
N ILE A 216 14.54 -11.27 -12.27
CA ILE A 216 13.21 -11.79 -11.98
C ILE A 216 13.28 -13.19 -11.38
N VAL A 217 14.15 -14.03 -11.94
CA VAL A 217 14.32 -15.38 -11.43
C VAL A 217 14.88 -15.35 -10.01
N LYS A 218 15.88 -14.50 -9.79
CA LYS A 218 16.52 -14.42 -8.48
C LYS A 218 15.55 -13.92 -7.41
N LEU A 219 14.68 -12.99 -7.78
CA LEU A 219 13.68 -12.52 -6.85
C LEU A 219 12.64 -13.61 -6.55
N ALA A 220 12.20 -14.30 -7.59
CA ALA A 220 11.24 -15.38 -7.41
C ALA A 220 11.84 -16.53 -6.59
N ASN A 221 13.12 -16.79 -6.81
CA ASN A 221 13.82 -17.82 -6.05
C ASN A 221 13.91 -17.47 -4.58
N HIS A 222 13.81 -16.18 -4.27
CA HIS A 222 13.85 -15.73 -2.89
C HIS A 222 12.45 -15.43 -2.35
N GLY A 223 11.42 -15.81 -3.11
CA GLY A 223 10.05 -15.64 -2.66
C GLY A 223 9.39 -14.30 -2.97
N LEU A 224 9.88 -13.59 -3.98
CA LEU A 224 9.29 -12.31 -4.33
C LEU A 224 8.98 -12.16 -5.81
N ILE A 225 7.91 -11.39 -6.08
CA ILE A 225 7.56 -10.94 -7.42
C ILE A 225 7.41 -9.43 -7.34
N HIS A 226 8.09 -8.72 -8.23
CA HIS A 226 8.13 -7.26 -8.16
C HIS A 226 6.74 -6.63 -8.35
N GLY A 227 6.06 -7.01 -9.42
CA GLY A 227 4.72 -6.51 -9.68
C GLY A 227 4.67 -5.19 -10.42
N ASP A 228 5.81 -4.52 -10.52
CA ASP A 228 5.93 -3.25 -11.23
C ASP A 228 7.26 -3.19 -11.98
N PHE A 229 7.68 -4.34 -12.50
CA PHE A 229 8.99 -4.46 -13.15
C PHE A 229 9.01 -3.83 -14.53
N ASN A 230 9.74 -2.73 -14.67
CA ASN A 230 9.73 -1.97 -15.92
C ASN A 230 10.97 -1.09 -16.17
N GLU A 231 10.98 -0.48 -17.35
CA GLU A 231 12.07 0.38 -17.81
C GLU A 231 12.28 1.60 -16.90
N PHE A 232 11.22 2.02 -16.21
CA PHE A 232 11.28 3.15 -15.30
C PHE A 232 11.95 2.82 -13.96
N ASN A 233 11.91 1.54 -13.56
CA ASN A 233 12.49 1.11 -12.29
C ASN A 233 13.91 0.57 -12.40
N LEU A 234 14.39 0.42 -13.62
CA LEU A 234 15.73 -0.13 -13.84
C LEU A 234 16.71 0.93 -14.31
N ILE A 235 17.85 0.99 -13.64
CA ILE A 235 18.87 1.98 -13.95
C ILE A 235 20.06 1.29 -14.63
N LEU A 236 20.53 1.88 -15.72
CA LEU A 236 21.64 1.32 -16.49
C LEU A 236 22.90 2.17 -16.30
N ASP A 237 23.98 1.54 -15.85
CA ASP A 237 25.21 2.29 -15.60
C ASP A 237 26.15 2.28 -16.80
N GLU A 238 27.34 2.83 -16.60
CA GLU A 238 28.34 3.01 -17.65
C GLU A 238 28.74 1.71 -18.34
N SER A 239 28.76 0.62 -17.58
CA SER A 239 29.13 -0.69 -18.11
C SER A 239 27.89 -1.49 -18.53
N ASP A 240 26.74 -0.83 -18.59
CA ASP A 240 25.47 -1.43 -19.01
C ASP A 240 24.93 -2.44 -18.00
N HIS A 241 25.25 -2.23 -16.72
CA HIS A 241 24.73 -3.06 -15.65
C HIS A 241 23.45 -2.48 -15.08
N ILE A 242 22.47 -3.34 -14.81
CA ILE A 242 21.16 -2.93 -14.33
C ILE A 242 21.07 -2.88 -12.81
N THR A 243 20.46 -1.81 -12.29
CA THR A 243 20.20 -1.68 -10.86
C THR A 243 18.72 -1.41 -10.60
N MET A 244 18.14 -2.11 -9.61
CA MET A 244 16.73 -1.95 -9.25
C MET A 244 16.56 -0.87 -8.19
N ILE A 245 15.84 0.19 -8.52
CA ILE A 245 15.73 1.33 -7.62
C ILE A 245 14.34 1.59 -7.02
N ASP A 246 13.32 0.89 -7.50
CA ASP A 246 11.98 1.06 -6.95
C ASP A 246 11.20 -0.25 -6.93
N PHE A 247 10.77 -0.66 -5.73
CA PHE A 247 10.00 -1.88 -5.56
C PHE A 247 8.93 -1.69 -4.47
N PRO A 248 7.94 -0.86 -4.75
CA PRO A 248 6.93 -0.46 -3.76
C PRO A 248 5.95 -1.57 -3.32
N GLN A 249 5.48 -2.39 -4.25
CA GLN A 249 4.43 -3.36 -3.93
C GLN A 249 4.74 -4.78 -4.40
N MET A 250 5.75 -5.40 -3.81
CA MET A 250 6.13 -6.75 -4.22
C MET A 250 5.10 -7.79 -3.77
N VAL A 251 4.99 -8.85 -4.56
CA VAL A 251 4.06 -9.94 -4.26
C VAL A 251 4.85 -11.19 -3.90
N SER A 252 4.35 -11.94 -2.92
CA SER A 252 4.98 -13.18 -2.51
C SER A 252 4.73 -14.26 -3.56
N THR A 253 5.67 -15.20 -3.70
CA THR A 253 5.50 -16.30 -4.63
C THR A 253 4.47 -17.30 -4.10
N SER A 254 4.11 -17.15 -2.84
CA SER A 254 3.07 -17.97 -2.21
C SER A 254 1.67 -17.39 -2.45
N HIS A 255 1.60 -16.28 -3.16
CA HIS A 255 0.32 -15.63 -3.43
C HIS A 255 -0.53 -16.50 -4.35
N PRO A 256 -1.84 -16.53 -4.12
CA PRO A 256 -2.74 -17.40 -4.90
C PRO A 256 -2.67 -17.20 -6.41
N ASN A 257 -2.42 -15.97 -6.87
CA ASN A 257 -2.31 -15.73 -8.31
C ASN A 257 -0.90 -15.31 -8.70
N ALA A 258 0.08 -15.80 -7.95
CA ALA A 258 1.48 -15.40 -8.15
C ALA A 258 1.99 -15.65 -9.56
N GLU A 259 1.54 -16.74 -10.18
CA GLU A 259 1.99 -17.09 -11.52
C GLU A 259 1.63 -16.00 -12.52
N TRP A 260 0.43 -15.44 -12.37
CA TRP A 260 -0.02 -14.36 -13.26
C TRP A 260 0.84 -13.11 -13.12
N TYR A 261 1.18 -12.77 -11.88
CA TYR A 261 2.02 -11.60 -11.61
C TYR A 261 3.46 -11.82 -12.10
N PHE A 262 3.95 -13.04 -11.95
CA PHE A 262 5.28 -13.39 -12.43
C PHE A 262 5.35 -13.24 -13.95
N ASP A 263 4.35 -13.79 -14.63
CA ASP A 263 4.29 -13.71 -16.09
C ASP A 263 4.12 -12.28 -16.59
N ARG A 264 3.35 -11.47 -15.87
CA ARG A 264 3.11 -10.09 -16.27
C ARG A 264 4.42 -9.31 -16.28
N ASP A 265 5.23 -9.50 -15.25
CA ASP A 265 6.52 -8.83 -15.15
C ASP A 265 7.45 -9.25 -16.30
N VAL A 266 7.46 -10.54 -16.61
CA VAL A 266 8.26 -11.06 -17.70
C VAL A 266 7.84 -10.47 -19.05
N LYS A 267 6.53 -10.40 -19.26
CA LYS A 267 5.99 -9.87 -20.51
C LYS A 267 6.33 -8.39 -20.70
N CYS A 268 6.34 -7.64 -19.60
CA CYS A 268 6.70 -6.22 -19.65
C CYS A 268 8.13 -6.02 -20.13
N ILE A 269 9.04 -6.86 -19.65
CA ILE A 269 10.43 -6.83 -20.08
C ILE A 269 10.56 -7.21 -21.55
N LYS A 270 9.88 -8.28 -21.95
CA LYS A 270 9.92 -8.73 -23.34
C LYS A 270 9.37 -7.66 -24.27
N ASP A 271 8.29 -7.02 -23.84
CA ASP A 271 7.63 -5.98 -24.61
C ASP A 271 8.55 -4.79 -24.86
N PHE A 272 9.23 -4.34 -23.81
CA PHE A 272 10.10 -3.17 -23.93
C PHE A 272 11.24 -3.42 -24.88
N PHE A 273 11.86 -4.59 -24.78
CA PHE A 273 13.00 -4.92 -25.64
C PHE A 273 12.63 -5.08 -27.11
N MET A 274 11.45 -5.62 -27.39
CA MET A 274 11.00 -5.71 -28.78
C MET A 274 10.75 -4.33 -29.37
N LYS A 275 10.10 -3.46 -28.60
CA LYS A 275 9.79 -2.11 -29.05
C LYS A 275 11.02 -1.21 -29.16
N ARG A 276 11.83 -1.17 -28.10
CA ARG A 276 13.00 -0.29 -28.07
C ARG A 276 14.21 -0.78 -28.84
N PHE A 277 14.55 -2.07 -28.71
CA PHE A 277 15.77 -2.59 -29.31
C PHE A 277 15.54 -3.62 -30.41
N SER A 278 14.27 -3.93 -30.68
CA SER A 278 13.89 -4.93 -31.69
C SER A 278 14.53 -6.28 -31.37
N TYR A 279 14.58 -6.61 -30.08
CA TYR A 279 15.19 -7.85 -29.64
C TYR A 279 14.15 -8.81 -29.08
N GLU A 280 14.23 -10.07 -29.51
CA GLU A 280 13.32 -11.10 -29.03
C GLU A 280 14.12 -12.34 -28.63
N SER A 281 13.62 -13.05 -27.63
CA SER A 281 14.27 -14.26 -27.15
C SER A 281 13.25 -15.28 -26.67
N GLU A 282 13.61 -16.55 -26.72
CA GLU A 282 12.71 -17.61 -26.29
C GLU A 282 13.21 -18.22 -24.98
N LEU A 283 14.29 -17.67 -24.44
CA LEU A 283 14.85 -18.14 -23.17
C LEU A 283 14.37 -17.29 -21.98
N PHE A 284 13.07 -17.07 -21.93
CA PHE A 284 12.42 -16.36 -20.84
C PHE A 284 11.95 -17.38 -19.79
N PRO A 285 12.04 -17.05 -18.50
CA PRO A 285 11.72 -17.99 -17.41
C PRO A 285 10.24 -18.38 -17.28
N THR A 286 10.02 -19.50 -16.61
CA THR A 286 8.69 -20.00 -16.30
C THR A 286 8.53 -20.14 -14.79
N PHE A 287 7.31 -19.89 -14.31
CA PHE A 287 7.01 -19.90 -12.89
C PHE A 287 7.28 -21.28 -12.23
N LYS A 288 7.08 -22.36 -12.98
CA LYS A 288 7.25 -23.71 -12.44
C LYS A 288 8.69 -24.00 -11.99
N ASP A 289 9.67 -23.42 -12.69
CA ASP A 289 11.09 -23.62 -12.41
C ASP A 289 11.61 -22.98 -11.12
N ILE A 290 10.80 -22.15 -10.48
CA ILE A 290 11.20 -21.42 -9.28
C ILE A 290 11.50 -22.30 -8.06
N ARG A 291 12.56 -21.97 -7.33
CA ARG A 291 12.93 -22.72 -6.13
C ARG A 291 12.72 -21.91 -4.86
N ARG A 292 12.68 -22.64 -3.74
CA ARG A 292 12.57 -22.01 -2.44
C ARG A 292 13.84 -22.23 -1.63
N GLU A 293 14.54 -21.13 -1.33
CA GLU A 293 15.78 -21.21 -0.56
C GLU A 293 15.46 -21.42 0.92
N ASP A 294 16.29 -20.87 1.79
CA ASP A 294 16.04 -20.94 3.23
C ASP A 294 14.70 -20.31 3.57
N THR A 295 13.96 -20.91 4.49
CA THR A 295 12.68 -20.37 4.94
C THR A 295 12.84 -18.92 5.37
N LEU A 296 13.86 -18.65 6.17
CA LEU A 296 14.21 -17.28 6.53
C LEU A 296 14.91 -16.60 5.37
N ASP A 297 14.13 -16.09 4.42
CA ASP A 297 14.68 -15.41 3.26
C ASP A 297 14.50 -13.90 3.36
N VAL A 298 14.38 -13.23 2.22
CA VAL A 298 14.29 -11.78 2.21
C VAL A 298 13.09 -11.21 2.97
N GLU A 299 11.91 -11.81 2.83
CA GLU A 299 10.71 -11.31 3.50
C GLU A 299 10.86 -11.37 5.01
N VAL A 300 11.39 -12.48 5.51
CA VAL A 300 11.58 -12.65 6.95
C VAL A 300 12.61 -11.63 7.47
N SER A 301 13.71 -11.46 6.74
CA SER A 301 14.73 -10.49 7.12
C SER A 301 14.19 -9.07 7.06
N ALA A 302 13.43 -8.77 6.01
CA ALA A 302 12.86 -7.43 5.82
C ALA A 302 11.84 -7.13 6.89
N SER A 303 11.06 -8.13 7.29
CA SER A 303 10.07 -7.96 8.35
C SER A 303 10.73 -7.64 9.69
N GLY A 304 11.87 -8.26 9.94
CA GLY A 304 12.60 -8.03 11.17
C GLY A 304 13.07 -6.59 11.27
N TYR A 305 13.57 -6.07 10.14
CA TYR A 305 14.01 -4.69 10.07
C TYR A 305 12.84 -3.73 10.27
N THR A 306 11.70 -4.08 9.67
CA THR A 306 10.48 -3.29 9.76
C THR A 306 9.99 -3.14 11.20
N LYS A 307 10.05 -4.23 11.96
CA LYS A 307 9.62 -4.21 13.36
C LYS A 307 10.49 -3.28 14.21
N GLU A 308 11.80 -3.29 13.98
CA GLU A 308 12.72 -2.44 14.72
C GLU A 308 12.49 -0.95 14.47
N MET A 309 12.35 -0.59 13.20
CA MET A 309 12.11 0.80 12.79
C MET A 309 10.78 1.29 13.33
N GLN A 310 9.78 0.41 13.36
CA GLN A 310 8.48 0.76 13.90
C GLN A 310 8.55 1.05 15.39
N ALA A 311 9.37 0.28 16.10
CA ALA A 311 9.57 0.49 17.53
C ALA A 311 10.21 1.86 17.79
N ASP A 312 11.13 2.24 16.92
CA ASP A 312 11.86 3.50 17.03
C ASP A 312 11.10 4.75 16.59
N ASP A 313 9.95 4.56 15.95
CA ASP A 313 9.24 5.70 15.36
C ASP A 313 8.93 6.75 16.41
N GLU A 314 9.11 8.01 16.01
CA GLU A 314 9.05 9.14 16.92
C GLU A 314 7.63 9.42 17.42
N LEU A 315 6.64 8.90 16.70
CA LEU A 315 5.25 9.09 17.06
C LEU A 315 4.87 8.33 18.32
N LEU A 316 5.66 7.30 18.65
CA LEU A 316 5.36 6.46 19.80
C LEU A 316 6.00 6.97 21.10
N HIS A 317 6.84 7.98 20.97
CA HIS A 317 7.56 8.52 22.12
C HIS A 317 7.23 10.00 22.34
N PRO A 318 7.47 10.50 23.56
CA PRO A 318 7.33 11.94 23.81
C PRO A 318 8.29 12.76 22.94
N LEU A 319 7.97 14.04 22.74
CA LEU A 319 8.79 14.92 21.90
C LEU A 319 10.26 14.90 22.29
N VAL B 6 -23.75 -21.93 5.73
CA VAL B 6 -23.75 -20.77 6.60
C VAL B 6 -23.84 -21.18 8.07
N ALA B 7 -22.97 -20.60 8.89
CA ALA B 7 -22.94 -20.92 10.32
C ALA B 7 -23.04 -19.67 11.18
N LYS B 8 -23.86 -19.75 12.23
CA LYS B 8 -24.06 -18.65 13.16
C LYS B 8 -22.76 -18.39 13.93
N LEU B 9 -22.53 -17.14 14.34
CA LEU B 9 -21.30 -16.85 15.09
C LEU B 9 -21.36 -17.50 16.46
N ARG B 10 -20.20 -17.93 16.93
CA ARG B 10 -20.11 -18.56 18.25
C ARG B 10 -20.44 -17.54 19.33
N TYR B 11 -20.93 -18.03 20.46
CA TYR B 11 -21.25 -17.14 21.56
C TYR B 11 -19.96 -16.74 22.27
N MET B 12 -19.96 -15.54 22.82
CA MET B 12 -18.86 -15.12 23.67
C MET B 12 -19.35 -14.17 24.76
N SER B 13 -18.78 -14.32 25.96
CA SER B 13 -19.18 -13.46 27.07
C SER B 13 -18.64 -12.05 26.84
N ARG B 14 -19.27 -11.07 27.49
CA ARG B 14 -18.85 -9.68 27.40
C ARG B 14 -17.44 -9.53 27.98
N ASP B 15 -17.13 -10.32 29.01
CA ASP B 15 -15.80 -10.32 29.62
C ASP B 15 -14.74 -10.76 28.62
N ASP B 16 -15.00 -11.86 27.93
CA ASP B 16 -14.06 -12.37 26.93
C ASP B 16 -13.90 -11.35 25.80
N PHE B 17 -15.02 -10.78 25.39
CA PHE B 17 -15.06 -9.77 24.33
C PHE B 17 -14.26 -8.53 24.72
N ARG B 18 -14.31 -8.17 26.00
CA ARG B 18 -13.55 -7.02 26.50
C ARG B 18 -12.04 -7.27 26.38
N VAL B 19 -11.60 -8.47 26.73
CA VAL B 19 -10.18 -8.82 26.66
C VAL B 19 -9.71 -8.89 25.21
N LEU B 20 -10.54 -9.48 24.35
CA LEU B 20 -10.22 -9.58 22.94
C LEU B 20 -10.08 -8.19 22.33
N THR B 21 -10.96 -7.28 22.74
CA THR B 21 -10.92 -5.90 22.30
C THR B 21 -9.67 -5.19 22.83
N ALA B 22 -9.29 -5.55 24.06
CA ALA B 22 -8.10 -4.98 24.68
C ALA B 22 -6.82 -5.41 23.95
N VAL B 23 -6.80 -6.64 23.45
CA VAL B 23 -5.65 -7.11 22.68
C VAL B 23 -5.51 -6.29 21.41
N GLU B 24 -6.64 -6.04 20.75
CA GLU B 24 -6.65 -5.24 19.54
C GLU B 24 -6.19 -3.80 19.81
N MET B 25 -6.66 -3.21 20.90
CA MET B 25 -6.28 -1.85 21.26
C MET B 25 -4.79 -1.74 21.55
N GLY B 26 -4.25 -2.73 22.26
CA GLY B 26 -2.83 -2.77 22.57
C GLY B 26 -1.98 -2.96 21.32
N MET B 27 -2.52 -3.72 20.36
CA MET B 27 -1.81 -4.02 19.12
C MET B 27 -1.60 -2.83 18.20
N LYS B 28 -2.29 -1.72 18.47
CA LYS B 28 -2.15 -0.55 17.62
C LYS B 28 -0.72 0.02 17.65
N ASN B 29 -0.11 0.03 18.84
CA ASN B 29 1.26 0.53 18.98
C ASN B 29 2.29 -0.53 19.40
N HIS B 30 1.85 -1.77 19.60
CA HIS B 30 2.77 -2.83 20.02
C HIS B 30 2.67 -4.06 19.13
N GLU B 31 3.83 -4.57 18.70
CA GLU B 31 3.89 -5.80 17.91
C GLU B 31 3.41 -6.97 18.74
N ILE B 32 3.69 -6.90 20.04
CA ILE B 32 3.27 -7.92 20.98
C ILE B 32 2.67 -7.27 22.22
N VAL B 33 1.56 -7.81 22.71
CA VAL B 33 0.92 -7.22 23.87
C VAL B 33 1.08 -8.13 25.07
N PRO B 34 1.73 -7.63 26.13
CA PRO B 34 1.93 -8.38 27.36
C PRO B 34 0.63 -8.51 28.15
N GLY B 35 0.53 -9.55 28.97
CA GLY B 35 -0.68 -9.79 29.74
C GLY B 35 -0.96 -8.63 30.67
N SER B 36 0.10 -8.03 31.21
CA SER B 36 -0.02 -6.93 32.14
C SER B 36 -0.74 -5.72 31.52
N LEU B 37 -0.36 -5.38 30.29
CA LEU B 37 -0.97 -4.26 29.59
C LEU B 37 -2.44 -4.52 29.29
N ILE B 38 -2.73 -5.76 28.88
CA ILE B 38 -4.10 -6.15 28.54
C ILE B 38 -4.97 -5.99 29.78
N ALA B 39 -4.43 -6.38 30.93
CA ALA B 39 -5.12 -6.24 32.19
C ALA B 39 -5.41 -4.78 32.47
N SER B 40 -4.44 -3.90 32.21
CA SER B 40 -4.61 -2.48 32.45
C SER B 40 -5.73 -1.89 31.60
N ILE B 41 -5.72 -2.23 30.31
CA ILE B 41 -6.72 -1.73 29.38
C ILE B 41 -8.12 -2.26 29.72
N ALA B 42 -8.20 -3.57 29.93
CA ALA B 42 -9.46 -4.26 30.26
C ALA B 42 -9.92 -4.06 31.70
N SER B 43 -8.95 -4.01 32.62
CA SER B 43 -9.21 -3.86 34.07
C SER B 43 -9.97 -5.06 34.62
N HIS B 46 -6.16 -9.80 38.27
CA HIS B 46 -5.46 -10.09 37.03
C HIS B 46 -5.30 -11.59 36.76
N GLY B 47 -5.70 -12.44 37.70
CA GLY B 47 -5.71 -13.87 37.43
C GLY B 47 -7.07 -14.30 36.92
N GLY B 48 -7.93 -13.30 36.69
CA GLY B 48 -9.21 -13.51 36.05
C GLY B 48 -8.88 -13.32 34.58
N CYS B 49 -8.10 -12.27 34.35
CA CYS B 49 -7.64 -11.89 33.03
C CYS B 49 -6.89 -13.04 32.38
N ASN B 50 -6.03 -13.68 33.17
CA ASN B 50 -5.25 -14.80 32.68
C ASN B 50 -6.14 -15.98 32.29
N LYS B 51 -7.24 -16.16 33.01
CA LYS B 51 -8.21 -17.21 32.68
C LYS B 51 -8.82 -16.95 31.31
N VAL B 52 -9.21 -15.70 31.08
CA VAL B 52 -9.81 -15.31 29.80
C VAL B 52 -8.83 -15.52 28.66
N LEU B 53 -7.57 -15.11 28.88
CA LEU B 53 -6.53 -15.24 27.88
C LEU B 53 -6.31 -16.71 27.51
N ARG B 54 -6.32 -17.57 28.52
CA ARG B 54 -6.14 -19.01 28.30
C ARG B 54 -7.25 -19.57 27.42
N GLU B 55 -8.48 -19.10 27.64
CA GLU B 55 -9.63 -19.53 26.83
C GLU B 55 -9.56 -19.00 25.40
N LEU B 56 -9.11 -17.76 25.24
CA LEU B 56 -8.95 -17.15 23.92
C LEU B 56 -7.88 -17.85 23.09
N VAL B 57 -6.82 -18.31 23.73
CA VAL B 57 -5.78 -19.06 23.03
C VAL B 57 -6.30 -20.41 22.55
N LYS B 58 -7.11 -21.07 23.38
CA LYS B 58 -7.68 -22.35 23.04
C LYS B 58 -8.60 -22.25 21.81
N HIS B 59 -9.31 -21.13 21.72
CA HIS B 59 -10.21 -20.88 20.61
C HIS B 59 -9.51 -20.27 19.38
N LYS B 60 -8.20 -20.06 19.49
CA LYS B 60 -7.35 -19.63 18.38
C LYS B 60 -7.65 -18.19 17.96
N LEU B 61 -8.40 -17.47 18.79
CA LEU B 61 -8.70 -16.07 18.54
C LEU B 61 -7.48 -15.17 18.77
N ILE B 62 -6.65 -15.55 19.73
CA ILE B 62 -5.39 -14.86 19.97
C ILE B 62 -4.28 -15.89 20.06
N ALA B 63 -3.05 -15.44 19.92
CA ALA B 63 -1.90 -16.33 20.01
C ALA B 63 -0.87 -15.75 20.94
N TRP B 64 -0.11 -16.61 21.58
CA TRP B 64 0.90 -16.16 22.51
C TRP B 64 2.23 -16.36 21.82
N GLU B 65 3.15 -15.43 22.06
CA GLU B 65 4.42 -15.48 21.39
C GLU B 65 5.53 -15.11 22.35
N ARG B 66 6.69 -15.72 22.14
CA ARG B 66 7.85 -15.36 22.93
C ARG B 66 8.95 -14.90 22.00
N THR B 67 9.55 -13.78 22.36
CA THR B 67 10.69 -13.24 21.63
C THR B 67 11.68 -12.80 22.70
N LYS B 68 12.94 -12.63 22.34
CA LYS B 68 13.97 -12.22 23.32
C LYS B 68 13.71 -10.87 24.00
N THR B 69 13.09 -9.94 23.30
CA THR B 69 12.86 -8.61 23.87
C THR B 69 11.54 -8.49 24.63
N VAL B 70 10.51 -9.16 24.16
CA VAL B 70 9.18 -9.06 24.76
C VAL B 70 8.45 -10.41 24.59
N GLN B 71 7.43 -10.64 25.42
CA GLN B 71 6.59 -11.83 25.31
C GLN B 71 5.16 -11.38 25.63
N GLY B 72 4.19 -11.99 24.97
CA GLY B 72 2.81 -11.59 25.15
C GLY B 72 1.92 -12.14 24.05
N TYR B 73 0.74 -11.54 23.90
CA TYR B 73 -0.24 -12.04 22.95
C TYR B 73 -0.45 -11.13 21.75
N ARG B 74 -1.05 -11.69 20.71
CA ARG B 74 -1.40 -10.95 19.51
C ARG B 74 -2.73 -11.47 18.97
N LEU B 75 -3.45 -10.62 18.25
CA LEU B 75 -4.70 -11.03 17.62
C LEU B 75 -4.37 -11.98 16.48
N THR B 76 -5.29 -12.89 16.17
CA THR B 76 -5.10 -13.79 15.04
C THR B 76 -6.08 -13.36 13.96
N ASN B 77 -5.98 -13.98 12.79
CA ASN B 77 -6.92 -13.65 11.72
C ASN B 77 -8.34 -13.95 12.19
N ALA B 78 -8.51 -15.09 12.83
CA ALA B 78 -9.81 -15.53 13.33
C ALA B 78 -10.33 -14.57 14.40
N GLY B 79 -9.45 -14.12 15.29
CA GLY B 79 -9.81 -13.20 16.34
C GLY B 79 -10.23 -11.84 15.78
N TYR B 80 -9.50 -11.39 14.78
CA TYR B 80 -9.80 -10.12 14.13
C TYR B 80 -11.13 -10.23 13.39
N ASP B 81 -11.33 -11.39 12.76
CA ASP B 81 -12.56 -11.65 12.02
C ASP B 81 -13.76 -11.59 12.95
N TYR B 82 -13.61 -12.18 14.13
CA TYR B 82 -14.70 -12.25 15.09
C TYR B 82 -15.13 -10.86 15.56
N LEU B 83 -14.16 -9.97 15.79
CA LEU B 83 -14.48 -8.62 16.22
C LEU B 83 -15.32 -7.90 15.17
N ALA B 84 -14.89 -8.00 13.91
CA ALA B 84 -15.58 -7.35 12.81
C ALA B 84 -16.97 -7.95 12.60
N LEU B 85 -17.06 -9.28 12.61
CA LEU B 85 -18.33 -9.96 12.35
C LEU B 85 -19.35 -9.73 13.46
N LYS B 86 -18.89 -9.76 14.71
CA LYS B 86 -19.77 -9.49 15.84
C LYS B 86 -20.31 -8.07 15.78
N THR B 87 -19.44 -7.13 15.40
CA THR B 87 -19.87 -5.74 15.27
C THR B 87 -20.91 -5.66 14.16
N LEU B 88 -20.63 -6.29 13.03
CA LEU B 88 -21.57 -6.32 11.92
C LEU B 88 -22.86 -7.07 12.31
N SER B 89 -22.71 -8.10 13.11
CA SER B 89 -23.86 -8.87 13.59
C SER B 89 -24.77 -7.99 14.44
N SER B 90 -24.16 -7.13 15.24
CA SER B 90 -24.90 -6.23 16.11
C SER B 90 -25.69 -5.19 15.32
N ARG B 91 -25.25 -4.90 14.11
CA ARG B 91 -25.93 -3.92 13.26
C ARG B 91 -26.91 -4.57 12.28
N GLN B 92 -27.15 -5.87 12.47
CA GLN B 92 -28.14 -6.61 11.70
C GLN B 92 -27.75 -6.75 10.23
N VAL B 93 -26.50 -6.48 9.93
CA VAL B 93 -25.98 -6.60 8.57
C VAL B 93 -25.59 -8.02 8.22
N VAL B 94 -24.94 -8.70 9.16
CA VAL B 94 -24.48 -10.06 8.94
C VAL B 94 -24.82 -10.93 10.15
N GLU B 95 -25.50 -12.04 9.94
CA GLU B 95 -25.83 -12.92 11.05
C GLU B 95 -25.14 -14.28 10.90
N SER B 96 -24.99 -14.73 9.67
CA SER B 96 -24.35 -16.02 9.38
C SER B 96 -23.31 -15.88 8.29
N VAL B 97 -22.26 -16.68 8.38
CA VAL B 97 -21.20 -16.67 7.40
C VAL B 97 -21.03 -18.02 6.71
N GLY B 98 -20.96 -18.01 5.39
CA GLY B 98 -20.76 -19.24 4.65
C GLY B 98 -19.29 -19.53 4.42
N ASN B 99 -18.99 -20.32 3.41
CA ASN B 99 -17.60 -20.64 3.09
C ASN B 99 -16.97 -19.63 2.14
N GLN B 100 -15.64 -19.67 2.06
CA GLN B 100 -14.90 -18.80 1.18
C GLN B 100 -15.08 -19.24 -0.26
N MET B 101 -15.41 -18.30 -1.15
CA MET B 101 -15.57 -18.67 -2.55
C MET B 101 -14.40 -18.19 -3.40
N GLY B 102 -13.53 -17.38 -2.83
CA GLY B 102 -12.39 -16.89 -3.59
C GLY B 102 -11.54 -15.87 -2.87
N VAL B 103 -10.63 -15.26 -3.61
CA VAL B 103 -9.74 -14.26 -3.05
C VAL B 103 -9.61 -13.04 -3.95
N GLY B 104 -9.16 -11.95 -3.35
CA GLY B 104 -8.80 -10.75 -4.07
C GLY B 104 -7.30 -10.63 -3.89
N LYS B 105 -6.72 -9.55 -4.38
CA LYS B 105 -5.27 -9.36 -4.26
C LYS B 105 -4.84 -9.32 -2.79
N GLU B 106 -5.63 -8.64 -1.98
CA GLU B 106 -5.33 -8.50 -0.56
C GLU B 106 -6.51 -8.96 0.31
N SER B 107 -7.37 -9.81 -0.22
CA SER B 107 -8.57 -10.17 0.54
C SER B 107 -9.10 -11.58 0.30
N ASP B 108 -9.93 -12.00 1.24
CA ASP B 108 -10.65 -13.25 1.17
C ASP B 108 -12.12 -12.92 0.99
N ILE B 109 -12.80 -13.64 0.11
CA ILE B 109 -14.20 -13.35 -0.17
C ILE B 109 -15.12 -14.45 0.35
N TYR B 110 -16.21 -14.05 0.99
CA TYR B 110 -17.16 -14.99 1.56
C TYR B 110 -18.61 -14.67 1.19
N ILE B 111 -19.50 -15.61 1.46
CA ILE B 111 -20.93 -15.34 1.36
C ILE B 111 -21.49 -15.25 2.77
N VAL B 112 -22.35 -14.26 3.00
CA VAL B 112 -22.97 -14.06 4.30
C VAL B 112 -24.47 -13.84 4.12
N ALA B 113 -25.21 -13.94 5.22
CA ALA B 113 -26.65 -13.71 5.18
C ALA B 113 -27.09 -12.89 6.40
N ASN B 114 -28.12 -12.07 6.21
CA ASN B 114 -28.68 -11.29 7.32
C ASN B 114 -29.77 -12.09 8.03
N GLU B 115 -30.54 -11.40 8.86
CA GLU B 115 -31.61 -12.04 9.63
C GLU B 115 -32.64 -12.67 8.72
N GLU B 116 -33.04 -11.94 7.68
CA GLU B 116 -34.06 -12.42 6.75
C GLU B 116 -33.54 -13.52 5.82
N GLY B 117 -32.23 -13.77 5.86
CA GLY B 117 -31.63 -14.78 5.02
C GLY B 117 -31.21 -14.26 3.67
N GLN B 118 -31.23 -12.94 3.51
CA GLN B 118 -30.80 -12.31 2.26
C GLN B 118 -29.28 -12.39 2.16
N GLN B 119 -28.79 -12.85 1.02
CA GLN B 119 -27.35 -13.12 0.88
C GLN B 119 -26.55 -11.93 0.38
N PHE B 120 -25.30 -11.86 0.84
CA PHE B 120 -24.38 -10.80 0.47
C PHE B 120 -22.97 -11.33 0.31
N ALA B 121 -22.10 -10.52 -0.26
CA ALA B 121 -20.69 -10.87 -0.36
C ALA B 121 -19.91 -10.17 0.74
N LEU B 122 -19.01 -10.91 1.38
CA LEU B 122 -18.16 -10.36 2.41
C LEU B 122 -16.71 -10.46 2.01
N LYS B 123 -15.98 -9.36 2.12
CA LYS B 123 -14.56 -9.41 1.80
C LYS B 123 -13.78 -9.09 3.06
N LEU B 124 -12.84 -9.97 3.39
CA LEU B 124 -11.99 -9.76 4.55
C LEU B 124 -10.57 -9.47 4.06
N HIS B 125 -10.07 -8.30 4.42
CA HIS B 125 -8.79 -7.82 3.91
C HIS B 125 -7.64 -8.24 4.80
N ARG B 126 -6.57 -8.73 4.18
CA ARG B 126 -5.37 -9.15 4.89
C ARG B 126 -4.15 -8.51 4.24
N LEU B 127 -3.52 -7.60 4.96
CA LEU B 127 -2.37 -6.87 4.43
C LEU B 127 -1.41 -6.55 5.56
N GLY B 128 -0.12 -6.72 5.32
CA GLY B 128 0.88 -6.44 6.35
C GLY B 128 1.84 -7.60 6.56
N HIS B 146 4.25 -7.52 9.32
CA HIS B 146 4.33 -7.04 10.71
C HIS B 146 2.95 -7.03 11.36
N ASN B 147 2.90 -7.30 12.65
CA ASN B 147 1.63 -7.35 13.37
C ASN B 147 0.92 -5.99 13.40
N VAL B 148 1.65 -4.92 13.74
CA VAL B 148 1.03 -3.59 13.78
C VAL B 148 0.70 -3.13 12.38
N SER B 149 1.53 -3.49 11.40
CA SER B 149 1.24 -3.16 10.02
C SER B 149 0.00 -3.91 9.55
N TRP B 150 -0.10 -5.16 9.98
CA TRP B 150 -1.23 -6.01 9.59
C TRP B 150 -2.58 -5.46 10.07
N LEU B 151 -2.62 -5.02 11.31
CA LEU B 151 -3.83 -4.49 11.90
C LEU B 151 -4.25 -3.19 11.21
N TYR B 152 -3.28 -2.30 11.02
CA TYR B 152 -3.53 -1.01 10.39
C TYR B 152 -3.82 -1.10 8.88
N LEU B 153 -2.98 -1.82 8.14
CA LEU B 153 -3.15 -1.92 6.69
C LEU B 153 -4.42 -2.67 6.27
N SER B 154 -4.78 -3.72 7.00
CA SER B 154 -5.98 -4.48 6.68
C SER B 154 -7.23 -3.61 6.84
N ARG B 155 -7.26 -2.82 7.91
CA ARG B 155 -8.36 -1.90 8.15
C ARG B 155 -8.40 -0.83 7.06
N LEU B 156 -7.24 -0.25 6.76
CA LEU B 156 -7.12 0.79 5.75
C LEU B 156 -7.49 0.27 4.36
N SER B 157 -7.09 -0.97 4.08
CA SER B 157 -7.36 -1.60 2.79
C SER B 157 -8.86 -1.74 2.55
N ALA B 158 -9.58 -2.10 3.61
CA ALA B 158 -11.02 -2.24 3.56
C ALA B 158 -11.74 -0.90 3.42
N MET B 159 -11.24 0.11 4.13
CA MET B 159 -11.83 1.45 4.08
C MET B 159 -11.77 2.03 2.68
N LYS B 160 -10.62 1.85 2.05
CA LYS B 160 -10.38 2.36 0.71
C LYS B 160 -11.35 1.72 -0.29
N GLU B 161 -11.53 0.41 -0.15
CA GLU B 161 -12.41 -0.33 -1.04
C GLU B 161 -13.86 0.12 -0.89
N PHE B 162 -14.32 0.26 0.35
CA PHE B 162 -15.67 0.72 0.63
C PHE B 162 -15.86 2.15 0.13
N ALA B 163 -14.86 2.99 0.35
CA ALA B 163 -14.93 4.39 -0.07
C ALA B 163 -14.98 4.49 -1.60
N TYR B 164 -14.11 3.76 -2.27
CA TYR B 164 -14.08 3.78 -3.74
C TYR B 164 -15.27 3.05 -4.37
N MET B 165 -15.74 1.97 -3.76
CA MET B 165 -16.92 1.26 -4.27
C MET B 165 -18.12 2.19 -4.25
N LYS B 166 -18.24 2.94 -3.16
CA LYS B 166 -19.32 3.89 -2.99
C LYS B 166 -19.24 4.97 -4.05
N ALA B 167 -18.05 5.54 -4.23
CA ALA B 167 -17.84 6.61 -5.21
C ALA B 167 -18.04 6.11 -6.64
N LEU B 168 -17.52 4.93 -6.94
CA LEU B 168 -17.66 4.35 -8.28
C LEU B 168 -19.12 3.96 -8.53
N TYR B 169 -19.79 3.47 -7.49
CA TYR B 169 -21.19 3.07 -7.60
C TYR B 169 -22.09 4.28 -7.87
N GLU B 170 -21.77 5.42 -7.26
CA GLU B 170 -22.55 6.65 -7.46
C GLU B 170 -22.48 7.14 -8.90
N ARG B 171 -21.42 6.77 -9.60
CA ARG B 171 -21.22 7.24 -10.96
C ARG B 171 -21.58 6.14 -11.96
N LYS B 172 -22.36 5.18 -11.46
CA LYS B 172 -22.91 4.11 -12.28
C LYS B 172 -21.81 3.29 -12.95
N PHE B 173 -20.80 2.93 -12.18
CA PHE B 173 -19.76 2.01 -12.63
C PHE B 173 -20.22 0.59 -12.30
N PRO B 174 -19.76 -0.39 -13.07
CA PRO B 174 -20.16 -1.77 -12.78
C PRO B 174 -19.41 -2.35 -11.58
N VAL B 175 -19.83 -1.94 -10.39
CA VAL B 175 -19.26 -2.44 -9.14
C VAL B 175 -20.40 -2.85 -8.22
N PRO B 176 -20.11 -3.70 -7.24
CA PRO B 176 -21.20 -4.06 -6.33
C PRO B 176 -21.66 -2.86 -5.51
N LYS B 177 -22.88 -2.94 -5.01
CA LYS B 177 -23.40 -1.89 -4.16
C LYS B 177 -22.92 -2.12 -2.75
N PRO B 178 -22.18 -1.16 -2.20
CA PRO B 178 -21.67 -1.33 -0.84
C PRO B 178 -22.79 -1.24 0.20
N ILE B 179 -22.83 -2.19 1.12
CA ILE B 179 -23.85 -2.19 2.17
C ILE B 179 -23.31 -1.67 3.50
N ASP B 180 -22.18 -2.22 3.94
CA ASP B 180 -21.60 -1.80 5.22
C ASP B 180 -20.10 -2.08 5.35
N TYR B 181 -19.52 -1.58 6.44
CA TYR B 181 -18.11 -1.78 6.72
C TYR B 181 -17.81 -1.82 8.22
N ASN B 182 -16.76 -2.57 8.57
CA ASN B 182 -16.15 -2.52 9.90
C ASN B 182 -14.74 -3.10 9.89
N ARG B 183 -13.79 -2.32 10.38
CA ARG B 183 -12.40 -2.75 10.50
C ARG B 183 -11.86 -3.21 9.16
N HIS B 184 -11.54 -4.49 9.04
CA HIS B 184 -11.02 -5.04 7.79
C HIS B 184 -12.11 -5.74 6.97
N ALA B 185 -13.36 -5.56 7.38
CA ALA B 185 -14.48 -6.24 6.72
C ALA B 185 -15.30 -5.29 5.88
N VAL B 186 -15.67 -5.73 4.68
CA VAL B 186 -16.56 -4.97 3.82
C VAL B 186 -17.71 -5.87 3.36
N VAL B 187 -18.94 -5.37 3.48
CA VAL B 187 -20.12 -6.10 3.03
C VAL B 187 -20.72 -5.38 1.82
N MET B 188 -20.95 -6.13 0.75
CA MET B 188 -21.45 -5.55 -0.49
C MET B 188 -22.53 -6.42 -1.12
N GLU B 189 -23.17 -5.89 -2.16
CA GLU B 189 -24.17 -6.63 -2.92
C GLU B 189 -23.53 -7.86 -3.54
N LEU B 190 -24.25 -8.98 -3.56
CA LEU B 190 -23.68 -10.20 -4.10
C LEU B 190 -24.06 -10.39 -5.56
N ILE B 191 -23.05 -10.35 -6.44
CA ILE B 191 -23.28 -10.52 -7.87
C ILE B 191 -23.38 -11.99 -8.22
N ASN B 192 -24.42 -12.34 -8.99
CA ASN B 192 -24.59 -13.71 -9.44
C ASN B 192 -23.76 -13.96 -10.68
N GLY B 193 -22.46 -14.15 -10.47
CA GLY B 193 -21.54 -14.34 -11.58
C GLY B 193 -20.27 -15.06 -11.17
N TYR B 194 -19.41 -15.31 -12.14
CA TYR B 194 -18.19 -16.05 -11.88
C TYR B 194 -16.99 -15.29 -12.42
N PRO B 195 -15.80 -15.54 -11.84
CA PRO B 195 -14.61 -14.86 -12.34
C PRO B 195 -14.39 -15.22 -13.79
N LEU B 196 -13.93 -14.26 -14.58
CA LEU B 196 -13.76 -14.44 -16.01
C LEU B 196 -12.77 -15.57 -16.32
N CYS B 197 -11.86 -15.86 -15.39
CA CYS B 197 -10.87 -16.90 -15.59
C CYS B 197 -11.50 -18.30 -15.67
N GLN B 198 -12.63 -18.48 -15.01
CA GLN B 198 -13.31 -19.78 -15.02
C GLN B 198 -14.29 -19.92 -16.17
N ILE B 199 -14.48 -18.84 -16.93
CA ILE B 199 -15.38 -18.87 -18.08
C ILE B 199 -14.66 -19.37 -19.32
N HIS B 200 -15.21 -20.40 -19.96
CA HIS B 200 -14.60 -20.96 -21.16
C HIS B 200 -15.48 -20.79 -22.38
N HIS B 201 -16.72 -20.38 -22.16
CA HIS B 201 -17.62 -20.06 -23.27
C HIS B 201 -18.39 -18.79 -23.01
N VAL B 202 -18.51 -17.96 -24.03
CA VAL B 202 -19.26 -16.73 -23.94
C VAL B 202 -20.02 -16.57 -25.27
N GLU B 203 -21.21 -15.97 -25.19
CA GLU B 203 -22.08 -15.83 -26.35
C GLU B 203 -21.38 -15.07 -27.48
N ASP B 204 -20.82 -13.91 -27.16
CA ASP B 204 -20.05 -13.12 -28.11
C ASP B 204 -18.78 -12.58 -27.46
N PRO B 205 -17.62 -13.17 -27.77
CA PRO B 205 -16.36 -12.74 -27.16
C PRO B 205 -16.03 -11.29 -27.47
N ALA B 206 -16.32 -10.86 -28.69
CA ALA B 206 -16.10 -9.48 -29.09
C ALA B 206 -16.91 -8.53 -28.21
N SER B 207 -18.11 -8.97 -27.84
CA SER B 207 -19.00 -8.19 -27.01
C SER B 207 -18.46 -8.00 -25.59
N VAL B 208 -17.97 -9.07 -24.99
CA VAL B 208 -17.39 -9.00 -23.65
C VAL B 208 -16.05 -8.26 -23.65
N TYR B 209 -15.26 -8.50 -24.69
CA TYR B 209 -13.97 -7.85 -24.88
C TYR B 209 -14.15 -6.34 -24.95
N ASP B 210 -15.18 -5.91 -25.68
CA ASP B 210 -15.48 -4.49 -25.82
C ASP B 210 -15.96 -3.87 -24.51
N GLU B 211 -16.74 -4.62 -23.74
CA GLU B 211 -17.24 -4.11 -22.47
C GLU B 211 -16.08 -3.83 -21.51
N ALA B 212 -15.10 -4.73 -21.48
CA ALA B 212 -13.93 -4.58 -20.64
C ALA B 212 -13.09 -3.38 -21.09
N MET B 213 -12.88 -3.27 -22.40
CA MET B 213 -12.11 -2.17 -22.97
C MET B 213 -12.78 -0.81 -22.71
N GLU B 214 -14.09 -0.77 -22.85
CA GLU B 214 -14.86 0.44 -22.58
C GLU B 214 -14.77 0.80 -21.10
N LEU B 215 -14.71 -0.22 -20.25
CA LEU B 215 -14.59 -0.03 -18.81
C LEU B 215 -13.27 0.66 -18.44
N ILE B 216 -12.19 0.27 -19.11
CA ILE B 216 -10.87 0.83 -18.87
C ILE B 216 -10.85 2.31 -19.24
N VAL B 217 -11.49 2.62 -20.36
CA VAL B 217 -11.60 4.00 -20.82
C VAL B 217 -12.42 4.83 -19.85
N LYS B 218 -13.52 4.27 -19.36
CA LYS B 218 -14.41 4.98 -18.44
C LYS B 218 -13.69 5.30 -17.13
N LEU B 219 -12.86 4.37 -16.67
CA LEU B 219 -12.08 4.61 -15.46
C LEU B 219 -11.03 5.70 -15.71
N ALA B 220 -10.41 5.66 -16.88
CA ALA B 220 -9.43 6.67 -17.26
C ALA B 220 -10.11 8.03 -17.40
N ASN B 221 -11.33 8.02 -17.90
CA ASN B 221 -12.12 9.23 -18.05
C ASN B 221 -12.44 9.87 -16.70
N HIS B 222 -12.45 9.06 -15.64
CA HIS B 222 -12.72 9.58 -14.30
C HIS B 222 -11.42 9.73 -13.51
N GLY B 223 -10.29 9.55 -14.20
CA GLY B 223 -8.98 9.74 -13.60
C GLY B 223 -8.37 8.53 -12.91
N LEU B 224 -8.79 7.33 -13.29
CA LEU B 224 -8.28 6.13 -12.64
C LEU B 224 -7.73 5.07 -13.58
N ILE B 225 -6.72 4.36 -13.10
CA ILE B 225 -6.16 3.20 -13.77
C ILE B 225 -6.15 2.08 -12.74
N HIS B 226 -6.71 0.93 -13.12
CA HIS B 226 -6.89 -0.17 -12.18
C HIS B 226 -5.57 -0.71 -11.63
N GLY B 227 -4.64 -1.04 -12.53
CA GLY B 227 -3.33 -1.55 -12.14
C GLY B 227 -3.28 -3.05 -11.92
N ASP B 228 -4.44 -3.70 -11.85
CA ASP B 228 -4.53 -5.15 -11.70
C ASP B 228 -5.71 -5.70 -12.50
N PHE B 229 -5.95 -5.14 -13.69
CA PHE B 229 -7.12 -5.50 -14.47
C PHE B 229 -6.90 -6.86 -15.12
N ASN B 230 -7.65 -7.87 -14.68
CA ASN B 230 -7.44 -9.23 -15.15
C ASN B 230 -8.66 -10.14 -15.02
N GLU B 231 -8.51 -11.36 -15.51
CA GLU B 231 -9.59 -12.36 -15.48
C GLU B 231 -10.03 -12.68 -14.06
N PHE B 232 -9.12 -12.49 -13.10
CA PHE B 232 -9.42 -12.77 -11.69
C PHE B 232 -10.25 -11.70 -10.97
N ASN B 233 -10.19 -10.46 -11.44
CA ASN B 233 -10.95 -9.38 -10.82
C ASN B 233 -12.26 -9.09 -11.55
N LEU B 234 -12.46 -9.73 -12.68
CA LEU B 234 -13.66 -9.48 -13.46
C LEU B 234 -14.63 -10.64 -13.34
N ILE B 235 -15.85 -10.30 -12.97
CA ILE B 235 -16.89 -11.29 -12.79
C ILE B 235 -17.97 -11.15 -13.85
N LEU B 236 -18.34 -12.28 -14.44
CA LEU B 236 -19.32 -12.32 -15.52
C LEU B 236 -20.63 -12.95 -15.07
N ASP B 237 -21.75 -12.25 -15.27
CA ASP B 237 -23.05 -12.76 -14.87
C ASP B 237 -23.75 -13.51 -16.01
N GLU B 238 -24.98 -13.95 -15.75
CA GLU B 238 -25.73 -14.74 -16.73
C GLU B 238 -25.94 -13.99 -18.04
N SER B 239 -26.03 -12.66 -17.95
CA SER B 239 -26.25 -11.83 -19.13
C SER B 239 -24.93 -11.38 -19.75
N ASP B 240 -23.84 -11.94 -19.27
CA ASP B 240 -22.49 -11.67 -19.78
C ASP B 240 -22.05 -10.24 -19.49
N HIS B 241 -22.59 -9.66 -18.42
CA HIS B 241 -22.21 -8.32 -18.00
C HIS B 241 -21.06 -8.42 -16.99
N ILE B 242 -20.07 -7.55 -17.15
CA ILE B 242 -18.88 -7.58 -16.30
C ILE B 242 -19.06 -6.70 -15.08
N THR B 243 -18.66 -7.24 -13.92
CA THR B 243 -18.69 -6.47 -12.68
C THR B 243 -17.28 -6.48 -12.07
N MET B 244 -16.83 -5.30 -11.66
CA MET B 244 -15.51 -5.12 -11.08
C MET B 244 -15.57 -5.30 -9.57
N ILE B 245 -14.87 -6.31 -9.06
CA ILE B 245 -14.96 -6.68 -7.65
C ILE B 245 -13.69 -6.43 -6.85
N ASP B 246 -12.61 -6.05 -7.52
CA ASP B 246 -11.34 -5.81 -6.84
C ASP B 246 -10.56 -4.66 -7.43
N PHE B 247 -10.26 -3.67 -6.60
CA PHE B 247 -9.45 -2.51 -7.00
C PHE B 247 -8.57 -1.98 -5.86
N PRO B 248 -7.55 -2.78 -5.47
CA PRO B 248 -6.68 -2.51 -4.33
C PRO B 248 -5.68 -1.36 -4.51
N GLN B 249 -5.04 -1.27 -5.67
CA GLN B 249 -3.98 -0.28 -5.87
C GLN B 249 -4.14 0.52 -7.16
N MET B 250 -5.21 1.29 -7.25
CA MET B 250 -5.45 2.07 -8.46
C MET B 250 -4.45 3.22 -8.59
N VAL B 251 -4.15 3.59 -9.83
CA VAL B 251 -3.21 4.66 -10.11
C VAL B 251 -3.94 5.86 -10.72
N SER B 252 -3.54 7.06 -10.33
CA SER B 252 -4.13 8.27 -10.90
C SER B 252 -3.63 8.48 -12.32
N THR B 253 -4.45 9.08 -13.16
CA THR B 253 -4.06 9.39 -14.53
C THR B 253 -3.08 10.56 -14.53
N SER B 254 -2.92 11.22 -13.39
CA SER B 254 -1.97 12.33 -13.26
C SER B 254 -0.56 11.83 -12.95
N HIS B 255 -0.40 10.53 -12.83
CA HIS B 255 0.90 9.94 -12.53
C HIS B 255 1.83 10.07 -13.74
N PRO B 256 3.12 10.35 -13.49
CA PRO B 256 4.10 10.54 -14.57
C PRO B 256 4.19 9.33 -15.51
N ASN B 257 3.96 8.13 -14.96
CA ASN B 257 4.04 6.92 -15.75
C ASN B 257 2.66 6.27 -15.95
N ALA B 258 1.63 7.11 -15.92
CA ALA B 258 0.25 6.63 -16.02
C ALA B 258 0.01 5.85 -17.31
N GLU B 259 0.63 6.29 -18.40
CA GLU B 259 0.45 5.64 -19.69
C GLU B 259 0.86 4.17 -19.70
N TRP B 260 1.97 3.88 -19.02
CA TRP B 260 2.47 2.51 -18.95
C TRP B 260 1.51 1.58 -18.23
N TYR B 261 0.94 2.06 -17.13
CA TYR B 261 -0.02 1.30 -16.35
C TYR B 261 -1.31 1.08 -17.14
N PHE B 262 -1.72 2.10 -17.89
CA PHE B 262 -2.89 2.03 -18.74
C PHE B 262 -2.70 0.99 -19.83
N ASP B 263 -1.54 1.03 -20.48
CA ASP B 263 -1.21 0.13 -21.56
C ASP B 263 -1.08 -1.32 -21.06
N ARG B 264 -0.54 -1.48 -19.85
CA ARG B 264 -0.37 -2.81 -19.27
C ARG B 264 -1.73 -3.48 -19.04
N ASP B 265 -2.70 -2.73 -18.55
CA ASP B 265 -4.04 -3.26 -18.30
C ASP B 265 -4.70 -3.71 -19.61
N VAL B 266 -4.55 -2.90 -20.65
CA VAL B 266 -5.12 -3.19 -21.96
C VAL B 266 -4.51 -4.48 -22.54
N LYS B 267 -3.20 -4.59 -22.44
CA LYS B 267 -2.48 -5.76 -22.95
C LYS B 267 -2.85 -7.03 -22.20
N CYS B 268 -3.08 -6.90 -20.89
CA CYS B 268 -3.50 -8.04 -20.09
C CYS B 268 -4.85 -8.58 -20.57
N ILE B 269 -5.76 -7.66 -20.90
CA ILE B 269 -7.08 -8.03 -21.42
C ILE B 269 -6.94 -8.70 -22.78
N LYS B 270 -6.12 -8.11 -23.65
CA LYS B 270 -5.89 -8.63 -24.98
C LYS B 270 -5.26 -10.02 -24.88
N ASP B 271 -4.34 -10.17 -23.93
CA ASP B 271 -3.66 -11.44 -23.73
C ASP B 271 -4.64 -12.56 -23.35
N PHE B 272 -5.52 -12.27 -22.40
CA PHE B 272 -6.46 -13.27 -21.91
C PHE B 272 -7.44 -13.73 -22.96
N PHE B 273 -8.00 -12.79 -23.72
CA PHE B 273 -8.99 -13.12 -24.75
C PHE B 273 -8.38 -13.90 -25.91
N MET B 274 -7.13 -13.60 -26.24
CA MET B 274 -6.41 -14.35 -27.27
C MET B 274 -6.16 -15.78 -26.81
N LYS B 275 -5.76 -15.93 -25.56
CA LYS B 275 -5.47 -17.25 -25.00
C LYS B 275 -6.73 -18.09 -24.77
N ARG B 276 -7.73 -17.49 -24.12
CA ARG B 276 -8.94 -18.22 -23.76
C ARG B 276 -9.95 -18.35 -24.92
N PHE B 277 -10.17 -17.27 -25.66
CA PHE B 277 -11.22 -17.27 -26.69
C PHE B 277 -10.71 -17.14 -28.12
N SER B 278 -9.39 -17.03 -28.29
CA SER B 278 -8.78 -16.86 -29.60
C SER B 278 -9.33 -15.64 -30.34
N TYR B 279 -9.53 -14.55 -29.62
CA TYR B 279 -10.07 -13.32 -30.20
C TYR B 279 -9.01 -12.21 -30.20
N GLU B 280 -8.91 -11.52 -31.33
CA GLU B 280 -7.95 -10.44 -31.50
C GLU B 280 -8.61 -9.21 -32.11
N SER B 281 -8.09 -8.03 -31.76
CA SER B 281 -8.60 -6.78 -32.31
C SER B 281 -7.45 -5.80 -32.48
N GLU B 282 -7.59 -4.91 -33.47
CA GLU B 282 -6.54 -3.94 -33.78
C GLU B 282 -6.99 -2.55 -33.34
N LEU B 283 -8.15 -2.51 -32.70
CA LEU B 283 -8.73 -1.27 -32.22
C LEU B 283 -8.38 -1.04 -30.75
N PHE B 284 -7.09 -1.09 -30.42
CA PHE B 284 -6.69 -0.92 -29.04
C PHE B 284 -6.66 0.57 -28.72
N PRO B 285 -7.22 0.95 -27.57
CA PRO B 285 -7.32 2.36 -27.20
C PRO B 285 -5.95 2.95 -26.90
N THR B 286 -5.84 4.26 -26.96
CA THR B 286 -4.59 4.93 -26.61
C THR B 286 -4.82 5.90 -25.46
N PHE B 287 -3.85 5.94 -24.56
CA PHE B 287 -3.93 6.77 -23.36
C PHE B 287 -3.99 8.28 -23.61
N LYS B 288 -3.19 8.74 -24.57
CA LYS B 288 -3.07 10.17 -24.83
C LYS B 288 -4.40 10.77 -25.27
N ASP B 289 -5.15 9.99 -26.03
CA ASP B 289 -6.43 10.46 -26.55
C ASP B 289 -7.50 10.57 -25.48
N ILE B 290 -7.25 9.96 -24.32
CA ILE B 290 -8.21 10.01 -23.22
C ILE B 290 -8.28 11.43 -22.63
N ARG B 291 -9.49 11.90 -22.39
CA ARG B 291 -9.73 13.22 -21.80
C ARG B 291 -10.32 13.01 -20.40
N ARG B 292 -10.31 14.03 -19.56
CA ARG B 292 -10.94 13.92 -18.25
C ARG B 292 -12.22 14.76 -18.25
N GLU B 293 -12.96 14.72 -17.15
CA GLU B 293 -14.23 15.43 -17.07
C GLU B 293 -14.53 15.89 -15.64
N ASP B 297 -13.91 11.95 -11.18
CA ASP B 297 -14.04 12.82 -10.01
C ASP B 297 -14.19 11.97 -8.74
N VAL B 298 -14.19 10.66 -8.94
CA VAL B 298 -14.42 9.69 -7.86
C VAL B 298 -13.41 9.82 -6.72
N GLU B 299 -12.16 10.12 -7.05
CA GLU B 299 -11.12 10.21 -6.03
C GLU B 299 -11.44 11.26 -4.96
N VAL B 300 -11.96 12.41 -5.35
CA VAL B 300 -12.32 13.44 -4.38
C VAL B 300 -13.44 12.94 -3.46
N SER B 301 -14.45 12.32 -4.06
CA SER B 301 -15.57 11.77 -3.29
C SER B 301 -15.11 10.65 -2.36
N ALA B 302 -14.24 9.79 -2.88
CA ALA B 302 -13.73 8.64 -2.12
C ALA B 302 -12.89 9.09 -0.94
N SER B 303 -12.07 10.12 -1.15
CA SER B 303 -11.26 10.66 -0.07
C SER B 303 -12.17 11.26 1.00
N GLY B 304 -13.25 11.90 0.56
CA GLY B 304 -14.20 12.49 1.48
C GLY B 304 -14.86 11.41 2.32
N TYR B 305 -15.22 10.30 1.68
CA TYR B 305 -15.80 9.16 2.39
C TYR B 305 -14.80 8.54 3.35
N THR B 306 -13.53 8.46 2.93
CA THR B 306 -12.47 7.93 3.77
C THR B 306 -12.30 8.78 5.04
N LYS B 307 -12.36 10.10 4.87
CA LYS B 307 -12.25 11.01 6.01
C LYS B 307 -13.39 10.86 7.01
N GLU B 308 -14.60 10.67 6.49
CA GLU B 308 -15.78 10.49 7.34
C GLU B 308 -15.67 9.23 8.17
N MET B 309 -15.27 8.13 7.53
CA MET B 309 -15.08 6.85 8.22
C MET B 309 -13.95 6.91 9.25
N GLN B 310 -12.88 7.63 8.95
CA GLN B 310 -11.76 7.76 9.87
C GLN B 310 -12.15 8.45 11.17
N ALA B 311 -13.08 9.39 11.09
CA ALA B 311 -13.57 10.12 12.28
C ALA B 311 -14.17 9.18 13.32
N ASP B 312 -14.81 8.11 12.87
CA ASP B 312 -15.46 7.15 13.77
C ASP B 312 -14.44 6.25 14.47
N ASP B 313 -13.56 5.63 13.70
CA ASP B 313 -12.55 4.71 14.25
C ASP B 313 -11.65 5.39 15.27
#